data_8P5Y
#
_entry.id   8P5Y
#
_cell.length_a   103.437
_cell.length_b   51.198
_cell.length_c   92.535
_cell.angle_alpha   90.000
_cell.angle_beta   117.457
_cell.angle_gamma   90.000
#
_symmetry.space_group_name_H-M   'C 1 2 1'
#
loop_
_entity.id
_entity.type
_entity.pdbx_description
1 polymer Streptavidin
2 non-polymer 5-[(3~{a}~{S},4~{S},6~{a}~{R})-2-oxidanylidene-1,3,3~{a},4,6,6~{a}-hexahydrothieno[3,4-d]imidazol-4-yl]-~{N}-[2-(3,4-dihydro-2~{H}-pyrano[2,3-c]pyridin-6-ylmethylamino)ethyl]pentanamide
3 non-polymer 'MANGANESE (II) ION'
4 non-polymer 'BROMIDE ION'
5 non-polymer 'CHLORIDE ION'
6 water water
#
_entity_poly.entity_id   1
_entity_poly.type   'polypeptide(L)'
_entity_poly.pdbx_seq_one_letter_code
;MASMTGGQQMGRDQAGITGTWYNQLGSTFIVTAGADGALTGTYESAVGNAESRYVLTGRYDSAPATDGSGTALGWTVAWK
NNYRNAHSATTWSGQYVGGAEARINTQWLLTYGTTEANAWMSTLVGHDTFTKVKPSAASIDAAKKAGVNNGNPLDAVQQ
;
_entity_poly.pdbx_strand_id   A,B,C,D
#
loop_
_chem_comp.id
_chem_comp.type
_chem_comp.name
_chem_comp.formula
BR non-polymer 'BROMIDE ION' 'Br -1'
CL non-polymer 'CHLORIDE ION' 'Cl -1'
MN non-polymer 'MANGANESE (II) ION' 'Mn 2'
WZQ non-polymer 5-[(3~{a}~{S},4~{S},6~{a}~{R})-2-oxidanylidene-1,3,3~{a},4,6,6~{a}-hexahydrothieno[3,4-d]imidazol-4-yl]-~{N}-[2-(3,4-dihydro-2~{H}-pyrano[2,3-c]pyridin-6-ylmethylamino)ethyl]pentanamide 'C21 H31 N5 O3 S'
#
# COMPACT_ATOMS: atom_id res chain seq x y z
N ASP A 13 -18.21 8.02 21.03
CA ASP A 13 -17.24 7.09 20.50
C ASP A 13 -16.09 6.77 21.43
N GLN A 14 -15.81 7.69 22.34
CA GLN A 14 -14.69 7.52 23.26
C GLN A 14 -14.85 6.26 24.09
N ALA A 15 -16.09 5.92 24.44
CA ALA A 15 -16.36 4.67 25.16
C ALA A 15 -15.97 3.45 24.32
N GLY A 16 -16.55 3.33 23.13
CA GLY A 16 -16.34 2.11 22.36
C GLY A 16 -14.87 1.84 22.09
N ILE A 17 -14.15 2.85 21.63
CA ILE A 17 -12.78 2.62 21.15
C ILE A 17 -11.87 2.19 22.30
N THR A 18 -11.99 2.83 23.46
CA THR A 18 -11.17 2.48 24.62
C THR A 18 -11.40 1.03 25.02
N GLY A 19 -10.31 0.32 25.30
CA GLY A 19 -10.39 -1.06 25.77
C GLY A 19 -9.37 -1.97 25.12
N THR A 20 -9.67 -3.24 25.09
CA THR A 20 -8.72 -4.25 24.63
C THR A 20 -9.24 -4.89 23.35
N TRP A 21 -8.45 -4.82 22.31
CA TRP A 21 -8.79 -5.41 21.03
C TRP A 21 -7.83 -6.55 20.71
N TYR A 22 -8.28 -7.43 19.82
CA TYR A 22 -7.49 -8.55 19.29
C TYR A 22 -7.68 -8.58 17.77
N ASN A 23 -6.62 -8.84 17.01
CA ASN A 23 -6.74 -8.89 15.56
C ASN A 23 -6.78 -10.37 15.10
N GLN A 24 -6.85 -10.57 13.76
CA GLN A 24 -6.99 -11.89 13.14
C GLN A 24 -5.75 -12.76 13.30
N LEU A 25 -4.67 -12.24 13.88
CA LEU A 25 -3.46 -12.99 14.12
C LEU A 25 -3.29 -13.34 15.57
N GLY A 26 -4.18 -12.86 16.44
CA GLY A 26 -4.07 -13.06 17.87
C GLY A 26 -3.40 -11.92 18.62
N SER A 27 -3.00 -10.85 17.96
CA SER A 27 -2.29 -9.76 18.65
C SER A 27 -3.24 -8.98 19.57
N THR A 28 -2.71 -8.49 20.69
CA THR A 28 -3.47 -7.78 21.73
C THR A 28 -3.17 -6.29 21.66
N PHE A 29 -4.22 -5.48 21.54
CA PHE A 29 -4.14 -4.03 21.29
C PHE A 29 -4.86 -3.33 22.42
N ILE A 30 -4.13 -2.74 23.35
CA ILE A 30 -4.73 -2.11 24.53
C ILE A 30 -4.63 -0.60 24.33
N VAL A 31 -5.77 0.06 24.35
CA VAL A 31 -5.83 1.45 23.89
C VAL A 31 -6.79 2.24 24.79
N THR A 32 -6.38 3.47 25.10
CA THR A 32 -7.23 4.46 25.73
C THR A 32 -7.38 5.62 24.75
N ALA A 33 -8.63 6.03 24.51
CA ALA A 33 -8.92 7.20 23.69
C ALA A 33 -9.32 8.36 24.59
N GLY A 34 -8.77 9.56 24.32
CA GLY A 34 -9.11 10.77 25.05
C GLY A 34 -9.85 11.77 24.17
N ALA A 35 -10.75 12.55 24.79
CA ALA A 35 -11.77 13.30 24.05
C ALA A 35 -11.20 14.40 23.16
N ASP A 36 -9.88 14.62 23.18
CA ASP A 36 -9.22 15.55 22.27
C ASP A 36 -8.85 14.92 20.93
N GLY A 37 -8.71 13.60 20.89
CA GLY A 37 -8.35 12.89 19.68
C GLY A 37 -7.13 12.02 19.84
N ALA A 38 -6.78 11.65 21.06
CA ALA A 38 -5.52 10.94 21.32
C ALA A 38 -5.72 9.44 21.57
N LEU A 39 -4.79 8.63 21.07
CA LEU A 39 -4.74 7.21 21.38
C LEU A 39 -3.44 6.88 22.12
N THR A 40 -3.57 6.16 23.23
CA THR A 40 -2.42 5.68 24.00
C THR A 40 -2.61 4.20 24.36
N GLY A 41 -1.50 3.50 24.57
CA GLY A 41 -1.60 2.19 25.18
C GLY A 41 -0.46 1.30 24.80
N THR A 42 -0.76 0.02 24.59
CA THR A 42 0.26 -0.96 24.31
C THR A 42 -0.23 -1.90 23.22
N TYR A 43 0.75 -2.52 22.58
CA TYR A 43 0.53 -3.51 21.53
C TYR A 43 1.41 -4.69 21.85
N GLU A 44 0.81 -5.88 21.86
CA GLU A 44 1.56 -7.13 21.91
C GLU A 44 1.29 -7.87 20.60
N SER A 45 2.33 -8.09 19.81
CA SER A 45 2.16 -8.82 18.56
C SER A 45 2.24 -10.30 18.82
N ALA A 46 1.34 -11.04 18.18
CA ALA A 46 1.45 -12.48 18.18
C ALA A 46 2.48 -13.02 17.19
N VAL A 47 2.99 -12.21 16.29
CA VAL A 47 3.86 -12.72 15.23
C VAL A 47 5.00 -11.72 15.08
N GLY A 48 6.07 -12.19 14.42
CA GLY A 48 7.13 -11.29 14.07
C GLY A 48 8.20 -11.20 15.13
N ASN A 49 9.12 -10.31 14.87
CA ASN A 49 10.23 -10.10 15.80
C ASN A 49 9.73 -9.23 16.95
N ALA A 50 8.97 -9.84 17.86
CA ALA A 50 8.22 -9.07 18.84
C ALA A 50 7.98 -9.95 20.05
N GLU A 51 8.11 -9.36 21.25
CA GLU A 51 7.97 -10.07 22.51
C GLU A 51 7.37 -9.09 23.52
N SER A 52 6.22 -9.45 24.10
CA SER A 52 5.57 -8.65 25.12
C SER A 52 4.99 -7.39 24.52
N ARG A 53 4.76 -6.36 25.34
CA ARG A 53 3.99 -5.21 24.89
C ARG A 53 4.89 -4.03 24.52
N TYR A 54 4.36 -3.19 23.64
CA TYR A 54 5.10 -2.09 23.04
C TYR A 54 4.27 -0.83 23.15
N VAL A 55 4.95 0.31 23.33
CA VAL A 55 4.23 1.57 23.49
C VAL A 55 3.60 1.92 22.13
N LEU A 56 2.32 2.24 22.15
CA LEU A 56 1.66 2.72 20.96
C LEU A 56 1.12 4.11 21.25
N THR A 57 1.13 4.95 20.23
CA THR A 57 0.55 6.28 20.31
C THR A 57 -0.19 6.57 19.00
N GLY A 58 -1.28 7.30 19.09
CA GLY A 58 -2.01 7.66 17.88
C GLY A 58 -3.10 8.67 18.10
N ARG A 59 -3.92 8.84 17.05
CA ARG A 59 -4.96 9.85 17.00
C ARG A 59 -6.21 9.27 16.33
N TYR A 60 -7.36 9.80 16.70
CA TYR A 60 -8.60 9.45 16.01
C TYR A 60 -9.43 10.71 15.81
N ASP A 61 -10.44 10.58 14.98
CA ASP A 61 -11.40 11.67 14.79
C ASP A 61 -12.28 11.80 16.02
N SER A 62 -12.13 12.94 16.73
CA SER A 62 -12.85 13.17 17.98
C SER A 62 -14.35 13.40 17.76
N ALA A 63 -14.72 14.01 16.64
CA ALA A 63 -16.11 14.36 16.35
C ALA A 63 -16.44 13.76 14.99
N PRO A 64 -16.68 12.45 14.96
CA PRO A 64 -16.93 11.76 13.69
C PRO A 64 -18.36 11.96 13.20
N ALA A 65 -18.55 11.63 11.92
CA ALA A 65 -19.85 11.77 11.28
C ALA A 65 -20.85 10.76 11.85
N THR A 66 -22.07 11.24 12.10
CA THR A 66 -23.12 10.44 12.73
C THR A 66 -24.11 9.85 11.72
N ASP A 67 -23.67 9.63 10.48
CA ASP A 67 -24.53 9.12 9.42
C ASP A 67 -24.22 7.66 9.07
N GLY A 68 -23.48 6.95 9.91
CA GLY A 68 -23.04 5.60 9.62
C GLY A 68 -21.56 5.47 9.31
N SER A 69 -20.87 6.56 9.01
CA SER A 69 -19.46 6.47 8.67
C SER A 69 -18.63 6.15 9.91
N GLY A 70 -17.68 5.25 9.74
CA GLY A 70 -16.74 4.91 10.80
C GLY A 70 -15.97 6.13 11.27
N THR A 71 -15.23 5.92 12.37
CA THR A 71 -14.36 6.95 12.94
C THR A 71 -12.95 6.64 12.47
N ALA A 72 -12.39 7.54 11.67
CA ALA A 72 -11.01 7.38 11.22
C ALA A 72 -10.04 7.52 12.39
N LEU A 73 -9.06 6.62 12.42
CA LEU A 73 -8.02 6.62 13.43
C LEU A 73 -6.75 5.97 12.91
N GLY A 74 -5.68 6.16 13.65
CA GLY A 74 -4.42 5.57 13.28
C GLY A 74 -3.50 5.54 14.48
N TRP A 75 -2.53 4.62 14.42
CA TRP A 75 -1.55 4.55 15.49
C TRP A 75 -0.27 3.92 15.00
N THR A 76 0.78 4.07 15.82
CA THR A 76 2.14 3.70 15.48
C THR A 76 2.72 2.94 16.66
N VAL A 77 3.43 1.87 16.35
CA VAL A 77 4.23 1.11 17.28
C VAL A 77 5.65 1.10 16.72
N ALA A 78 6.61 1.58 17.50
CA ALA A 78 8.02 1.34 17.22
C ALA A 78 8.41 0.10 18.02
N TRP A 79 8.86 -0.92 17.32
CA TRP A 79 9.10 -2.24 17.90
C TRP A 79 10.38 -2.34 18.75
N LYS A 80 10.52 -1.45 19.70
CA LYS A 80 11.57 -1.53 20.69
C LYS A 80 10.93 -1.45 22.07
N ASN A 81 11.29 -2.40 22.93
CA ASN A 81 10.87 -2.34 24.33
C ASN A 81 12.03 -2.86 25.18
N ASN A 82 11.72 -3.23 26.41
CA ASN A 82 12.77 -3.70 27.32
C ASN A 82 13.35 -5.07 26.96
N TYR A 83 12.81 -5.78 25.97
CA TYR A 83 13.25 -7.13 25.63
C TYR A 83 13.97 -7.26 24.30
N ARG A 84 13.56 -6.50 23.29
CA ARG A 84 14.22 -6.63 22.00
C ARG A 84 13.85 -5.40 21.16
N ASN A 85 14.66 -5.16 20.15
CA ASN A 85 14.50 -3.99 19.30
C ASN A 85 14.55 -4.52 17.88
N ALA A 86 13.42 -4.46 17.19
CA ALA A 86 13.29 -4.96 15.83
C ALA A 86 13.64 -3.92 14.78
N HIS A 87 14.06 -2.73 15.18
CA HIS A 87 14.44 -1.66 14.26
C HIS A 87 13.40 -1.48 13.17
N SER A 88 12.15 -1.36 13.60
CA SER A 88 11.08 -1.15 12.65
C SER A 88 9.97 -0.42 13.38
N ALA A 89 8.98 0.00 12.61
CA ALA A 89 7.73 0.52 13.16
C ALA A 89 6.60 0.22 12.18
N THR A 90 5.42 0.01 12.74
CA THR A 90 4.20 -0.19 11.98
C THR A 90 3.29 0.99 12.27
N THR A 91 2.57 1.46 11.26
CA THR A 91 1.47 2.41 11.42
C THR A 91 0.22 1.72 10.89
N TRP A 92 -0.82 1.71 11.70
CA TRP A 92 -2.13 1.25 11.27
C TRP A 92 -2.99 2.45 10.91
N SER A 93 -3.60 2.39 9.75
CA SER A 93 -4.50 3.41 9.29
C SER A 93 -5.88 2.78 9.09
N GLY A 94 -6.91 3.35 9.72
CA GLY A 94 -8.20 2.73 9.53
C GLY A 94 -9.42 3.41 10.10
N GLN A 95 -10.41 2.62 10.45
CA GLN A 95 -11.64 3.20 10.98
C GLN A 95 -12.33 2.24 11.92
N TYR A 96 -12.95 2.82 12.95
CA TYR A 96 -13.68 2.09 13.97
C TYR A 96 -15.16 2.11 13.63
N VAL A 97 -15.81 0.95 13.70
CA VAL A 97 -17.18 0.76 13.24
C VAL A 97 -17.97 0.25 14.42
N GLY A 98 -18.85 1.09 14.96
CA GLY A 98 -19.69 0.70 16.07
C GLY A 98 -20.71 -0.36 15.69
N GLY A 99 -21.86 -0.36 16.34
CA GLY A 99 -22.77 -1.47 16.27
C GLY A 99 -22.34 -2.55 17.23
N ALA A 100 -23.20 -3.56 17.40
CA ALA A 100 -22.85 -4.62 18.34
C ALA A 100 -21.60 -5.36 17.91
N GLU A 101 -21.43 -5.56 16.60
CA GLU A 101 -20.21 -6.18 16.08
C GLU A 101 -19.14 -5.09 15.92
N ALA A 102 -18.68 -4.60 17.07
CA ALA A 102 -17.75 -3.47 17.10
C ALA A 102 -16.39 -3.89 16.56
N ARG A 103 -15.94 -3.19 15.52
CA ARG A 103 -14.77 -3.62 14.74
C ARG A 103 -13.85 -2.44 14.48
N ILE A 104 -12.54 -2.69 14.44
CA ILE A 104 -11.56 -1.74 13.97
C ILE A 104 -10.85 -2.33 12.76
N ASN A 105 -11.14 -1.79 11.57
CA ASN A 105 -10.58 -2.27 10.31
C ASN A 105 -9.43 -1.38 9.85
N THR A 106 -8.24 -1.99 9.70
CA THR A 106 -6.99 -1.30 9.38
C THR A 106 -6.36 -1.86 8.11
N GLN A 107 -5.56 -1.02 7.49
CA GLN A 107 -4.45 -1.35 6.63
C GLN A 107 -3.21 -0.83 7.35
N TRP A 108 -2.10 -1.51 7.17
CA TRP A 108 -0.91 -1.14 7.91
C TRP A 108 0.28 -1.10 6.98
N LEU A 109 1.26 -0.33 7.41
CA LEU A 109 2.60 -0.29 6.82
C LEU A 109 3.64 -0.55 7.90
N LEU A 110 4.59 -1.41 7.58
CA LEU A 110 5.70 -1.78 8.48
C LEU A 110 6.99 -1.48 7.74
N THR A 111 7.74 -0.52 8.26
CA THR A 111 9.06 -0.15 7.76
C THR A 111 10.13 -0.63 8.74
N TYR A 112 11.18 -1.23 8.20
CA TYR A 112 12.33 -1.54 9.02
C TYR A 112 13.52 -0.80 8.42
N GLY A 113 14.51 -0.53 9.28
CA GLY A 113 15.66 0.25 8.86
C GLY A 113 16.52 -0.53 7.88
N THR A 114 17.06 0.19 6.91
CA THR A 114 17.79 -0.40 5.81
C THR A 114 18.89 0.55 5.42
N THR A 115 19.87 0.02 4.72
CA THR A 115 20.78 0.90 4.04
C THR A 115 20.01 1.56 2.92
N GLU A 116 20.67 2.49 2.23
CA GLU A 116 19.99 3.12 1.10
C GLU A 116 19.91 2.16 -0.10
N ALA A 117 20.87 1.23 -0.25
CA ALA A 117 20.78 0.23 -1.31
C ALA A 117 19.55 -0.66 -1.16
N ASN A 118 19.09 -0.88 0.06
CA ASN A 118 18.02 -1.84 0.29
C ASN A 118 16.72 -1.16 0.63
N ALA A 119 16.70 0.17 0.55
CA ALA A 119 15.51 0.91 0.92
C ALA A 119 14.30 0.45 0.09
N TRP A 120 14.51 0.05 -1.17
CA TRP A 120 13.36 -0.35 -1.99
C TRP A 120 12.58 -1.50 -1.35
N MET A 121 13.22 -2.29 -0.49
CA MET A 121 12.56 -3.42 0.15
C MET A 121 12.25 -3.19 1.63
N SER A 122 12.03 -1.93 2.02
CA SER A 122 11.98 -1.61 3.46
C SER A 122 10.58 -1.69 4.05
N THR A 123 9.52 -1.72 3.22
CA THR A 123 8.17 -1.54 3.72
C THR A 123 7.24 -2.66 3.30
N LEU A 124 6.53 -3.22 4.27
CA LEU A 124 5.49 -4.21 4.12
C LEU A 124 4.11 -3.60 4.25
N VAL A 125 3.17 -4.14 3.51
CA VAL A 125 1.81 -3.63 3.60
C VAL A 125 0.93 -4.82 3.95
N GLY A 126 -0.16 -4.51 4.66
CA GLY A 126 -1.03 -5.57 5.14
C GLY A 126 -2.31 -4.96 5.69
N HIS A 127 -3.09 -5.79 6.33
CA HIS A 127 -4.38 -5.34 6.80
C HIS A 127 -4.78 -6.23 7.96
N ASP A 128 -5.21 -5.60 9.07
CA ASP A 128 -5.70 -6.28 10.26
C ASP A 128 -7.15 -5.93 10.52
N THR A 129 -7.88 -6.85 11.12
CA THR A 129 -9.19 -6.54 11.70
C THR A 129 -9.16 -6.86 13.19
N PHE A 130 -9.57 -5.89 14.01
CA PHE A 130 -9.65 -6.06 15.45
C PHE A 130 -11.10 -6.11 15.89
N THR A 131 -11.37 -6.96 16.88
CA THR A 131 -12.63 -6.92 17.62
C THR A 131 -12.28 -7.08 19.09
N LYS A 132 -13.25 -6.88 19.96
CA LYS A 132 -12.99 -7.02 21.39
C LYS A 132 -13.20 -8.46 21.85
N VAL A 133 -13.33 -9.39 20.92
CA VAL A 133 -13.53 -10.79 21.27
C VAL A 133 -12.19 -11.43 21.62
N LYS A 134 -12.03 -11.87 22.86
CA LYS A 134 -10.78 -12.51 23.31
C LYS A 134 -10.49 -13.68 22.36
N ASP B 13 18.68 9.98 15.83
CA ASP B 13 18.42 10.17 17.26
C ASP B 13 17.51 11.40 17.42
N GLN B 14 17.35 11.91 18.64
CA GLN B 14 16.36 12.97 18.80
C GLN B 14 16.84 14.29 18.22
N ALA B 15 18.10 14.63 18.39
CA ALA B 15 18.61 15.84 17.76
C ALA B 15 18.32 15.81 16.26
N GLY B 16 18.57 14.65 15.61
CA GLY B 16 18.43 14.56 14.18
C GLY B 16 17.01 14.70 13.67
N ILE B 17 16.04 14.12 14.39
CA ILE B 17 14.67 14.12 13.92
C ILE B 17 14.00 15.43 14.29
N THR B 18 14.26 15.95 15.47
CA THR B 18 13.56 17.12 15.93
C THR B 18 13.84 18.29 15.02
N GLY B 19 12.79 18.99 14.66
CA GLY B 19 12.94 20.14 13.81
C GLY B 19 11.76 20.27 12.88
N THR B 20 12.00 21.03 11.82
CA THR B 20 10.98 21.37 10.84
C THR B 20 11.35 20.72 9.53
N TRP B 21 10.44 19.90 9.01
CA TRP B 21 10.65 19.16 7.76
C TRP B 21 9.59 19.56 6.76
N TYR B 22 9.99 19.55 5.48
CA TYR B 22 9.09 19.83 4.38
C TYR B 22 9.16 18.69 3.38
N ASN B 23 8.01 18.20 2.95
CA ASN B 23 8.03 17.18 1.93
C ASN B 23 7.93 17.85 0.55
N GLN B 24 7.78 17.01 -0.47
CA GLN B 24 7.78 17.39 -1.88
C GLN B 24 6.52 18.13 -2.31
N LEU B 25 5.44 17.98 -1.55
CA LEU B 25 4.19 18.69 -1.81
C LEU B 25 4.15 20.07 -1.20
N GLY B 26 5.18 20.44 -0.45
CA GLY B 26 5.18 21.69 0.31
C GLY B 26 4.61 21.58 1.69
N SER B 27 4.27 20.37 2.14
CA SER B 27 3.67 20.24 3.45
C SER B 27 4.71 20.48 4.52
N THR B 28 4.23 20.86 5.69
CA THR B 28 5.11 21.23 6.78
C THR B 28 4.93 20.27 7.93
N PHE B 29 6.06 19.72 8.39
CA PHE B 29 6.07 18.61 9.36
C PHE B 29 6.93 19.13 10.52
N ILE B 30 6.28 19.51 11.61
CA ILE B 30 6.95 20.02 12.81
C ILE B 30 6.88 18.91 13.85
N VAL B 31 8.05 18.44 14.29
CA VAL B 31 8.09 17.25 15.13
C VAL B 31 9.14 17.44 16.21
N THR B 32 8.77 17.05 17.43
CA THR B 32 9.68 16.89 18.55
C THR B 32 9.88 15.41 18.87
N ALA B 33 11.13 15.00 19.07
CA ALA B 33 11.45 13.62 19.42
C ALA B 33 12.00 13.53 20.85
N GLY B 34 11.49 12.56 21.62
CA GLY B 34 12.00 12.32 22.96
C GLY B 34 12.99 11.17 23.02
N ALA B 35 13.71 11.10 24.16
CA ALA B 35 14.68 10.02 24.39
C ALA B 35 14.04 8.64 24.37
N ASP B 36 12.78 8.52 24.83
CA ASP B 36 12.06 7.26 24.99
C ASP B 36 11.59 6.66 23.68
N GLY B 37 11.64 7.42 22.59
CA GLY B 37 11.10 7.01 21.31
C GLY B 37 9.91 7.81 20.88
N ALA B 38 9.47 8.77 21.66
CA ALA B 38 8.21 9.45 21.33
C ALA B 38 8.38 10.46 20.20
N LEU B 39 7.29 10.66 19.45
CA LEU B 39 7.17 11.77 18.52
C LEU B 39 5.90 12.56 18.82
N THR B 40 6.01 13.87 18.78
CA THR B 40 4.91 14.79 18.99
C THR B 40 5.10 15.97 18.07
N GLY B 41 4.00 16.56 17.63
CA GLY B 41 4.17 17.87 16.98
C GLY B 41 2.95 18.20 16.13
N THR B 42 3.20 18.92 15.06
CA THR B 42 2.12 19.49 14.29
C THR B 42 2.44 19.22 12.83
N TYR B 43 1.39 19.11 12.03
CA TYR B 43 1.52 18.82 10.61
C TYR B 43 0.63 19.78 9.84
N GLU B 44 1.21 20.40 8.83
CA GLU B 44 0.49 21.37 8.00
C GLU B 44 0.59 20.83 6.58
N SER B 45 -0.55 20.45 6.02
CA SER B 45 -0.58 19.93 4.68
C SER B 45 -0.97 21.03 3.70
N ALA B 46 -0.22 21.10 2.60
CA ALA B 46 -0.41 22.08 1.55
C ALA B 46 -1.44 21.66 0.54
N VAL B 47 -2.01 20.47 0.67
CA VAL B 47 -3.03 19.95 -0.21
C VAL B 47 -4.05 19.21 0.67
N GLY B 48 -5.21 18.89 0.08
CA GLY B 48 -6.20 18.04 0.75
C GLY B 48 -7.21 18.88 1.52
N ASN B 49 -8.19 18.22 2.14
CA ASN B 49 -9.16 18.86 3.03
C ASN B 49 -8.43 19.22 4.34
N ALA B 50 -7.51 20.17 4.28
CA ALA B 50 -6.69 20.50 5.43
C ALA B 50 -6.47 22.01 5.47
N GLU B 51 -6.33 22.52 6.70
CA GLU B 51 -6.22 23.96 6.93
C GLU B 51 -5.48 24.15 8.23
N SER B 52 -4.41 24.93 8.20
CA SER B 52 -3.62 25.18 9.41
C SER B 52 -3.01 23.88 9.94
N ARG B 53 -2.72 23.84 11.23
CA ARG B 53 -1.86 22.82 11.82
C ARG B 53 -2.70 21.77 12.52
N TYR B 54 -2.33 20.50 12.34
CA TYR B 54 -3.01 19.40 13.01
C TYR B 54 -2.05 18.72 13.98
N VAL B 55 -2.64 18.17 15.05
CA VAL B 55 -1.88 17.42 16.04
C VAL B 55 -1.43 16.09 15.44
N LEU B 56 -0.18 15.75 15.69
CA LEU B 56 0.39 14.47 15.33
C LEU B 56 1.09 13.83 16.51
N THR B 57 1.24 12.50 16.43
CA THR B 57 1.94 11.76 17.46
C THR B 57 2.41 10.46 16.82
N GLY B 58 3.57 9.97 17.26
CA GLY B 58 4.12 8.76 16.68
C GLY B 58 5.27 8.26 17.52
N ARG B 59 6.09 7.42 16.88
CA ARG B 59 7.14 6.68 17.56
C ARG B 59 8.30 6.47 16.60
N TYR B 60 9.47 6.27 17.16
CA TYR B 60 10.67 6.06 16.37
C TYR B 60 11.56 5.17 17.20
N ASP B 61 12.41 4.42 16.49
CA ASP B 61 13.31 3.47 17.09
C ASP B 61 14.39 4.26 17.79
N SER B 62 14.38 4.23 19.14
CA SER B 62 15.30 4.98 19.97
C SER B 62 16.76 4.58 19.81
N ALA B 63 17.04 3.39 19.28
CA ALA B 63 18.38 2.81 19.34
C ALA B 63 18.56 2.02 18.07
N PRO B 64 18.92 2.69 16.97
CA PRO B 64 18.92 2.00 15.67
C PRO B 64 20.09 1.02 15.54
N ALA B 65 20.02 0.27 14.44
CA ALA B 65 21.09 -0.67 14.16
C ALA B 65 22.39 0.10 13.99
N THR B 66 23.48 -0.64 14.07
CA THR B 66 24.83 -0.08 14.01
C THR B 66 25.47 -0.25 12.63
N ASP B 67 24.72 -0.77 11.65
CA ASP B 67 25.24 -1.04 10.31
C ASP B 67 25.03 0.11 9.33
N GLY B 68 24.64 1.29 9.81
CA GLY B 68 24.39 2.42 8.93
C GLY B 68 23.00 2.47 8.34
N SER B 69 22.07 1.70 8.87
CA SER B 69 20.71 1.72 8.35
C SER B 69 19.93 2.89 8.96
N GLY B 70 18.83 3.21 8.34
CA GLY B 70 18.01 4.29 8.80
C GLY B 70 17.19 3.92 10.01
N THR B 71 16.64 4.96 10.64
CA THR B 71 15.90 4.82 11.89
C THR B 71 14.42 4.71 11.55
N ALA B 72 13.82 3.56 11.89
CA ALA B 72 12.39 3.36 11.68
C ALA B 72 11.53 4.31 12.49
N LEU B 73 10.42 4.76 11.91
CA LEU B 73 9.56 5.70 12.62
C LEU B 73 8.21 5.76 11.92
N GLY B 74 7.22 6.31 12.60
CA GLY B 74 5.93 6.54 11.98
C GLY B 74 5.16 7.51 12.84
N TRP B 75 4.13 8.15 12.24
CA TRP B 75 3.24 9.04 13.00
C TRP B 75 1.89 9.14 12.32
N THR B 76 0.90 9.63 13.08
CA THR B 76 -0.50 9.73 12.67
C THR B 76 -1.04 11.13 12.84
N VAL B 77 -1.70 11.66 11.81
CA VAL B 77 -2.49 12.87 11.88
C VAL B 77 -3.95 12.50 11.77
N ALA B 78 -4.75 12.83 12.77
CA ALA B 78 -6.20 12.87 12.62
C ALA B 78 -6.56 14.26 12.13
N TRP B 79 -7.34 14.32 11.06
CA TRP B 79 -7.49 15.58 10.34
C TRP B 79 -8.64 16.41 10.87
N LYS B 80 -8.75 16.50 12.19
CA LYS B 80 -9.67 17.41 12.86
C LYS B 80 -8.85 18.53 13.50
N ASN B 81 -9.33 19.76 13.32
CA ASN B 81 -8.74 21.03 13.72
C ASN B 81 -9.83 21.85 14.36
N ASN B 82 -9.46 23.01 14.94
CA ASN B 82 -10.51 23.96 15.27
C ASN B 82 -11.21 24.46 14.00
N TYR B 83 -10.54 24.37 12.83
CA TYR B 83 -11.02 24.99 11.60
C TYR B 83 -11.66 24.02 10.63
N ARG B 84 -11.19 22.79 10.54
CA ARG B 84 -11.62 21.84 9.52
C ARG B 84 -11.71 20.46 10.17
N ASN B 85 -12.70 19.67 9.78
CA ASN B 85 -12.72 18.24 10.10
C ASN B 85 -12.98 17.43 8.84
N ALA B 86 -11.94 16.74 8.38
CA ALA B 86 -11.98 15.99 7.12
C ALA B 86 -12.40 14.54 7.33
N HIS B 87 -12.66 14.14 8.58
CA HIS B 87 -13.12 12.82 8.96
C HIS B 87 -12.21 11.72 8.40
N SER B 88 -10.91 11.90 8.60
CA SER B 88 -9.87 11.06 8.04
C SER B 88 -8.69 11.13 8.98
N ALA B 89 -7.78 10.18 8.78
CA ALA B 89 -6.49 10.07 9.46
C ALA B 89 -5.47 9.56 8.46
N THR B 90 -4.24 10.01 8.63
CA THR B 90 -3.16 9.59 7.78
C THR B 90 -2.08 9.02 8.67
N THR B 91 -1.49 7.90 8.30
CA THR B 91 -0.33 7.41 9.02
C THR B 91 0.86 7.31 8.07
N TRP B 92 2.02 7.76 8.51
CA TRP B 92 3.25 7.74 7.74
C TRP B 92 4.21 6.74 8.39
N SER B 93 4.78 5.84 7.56
CA SER B 93 5.74 4.83 7.95
C SER B 93 6.98 5.01 7.08
N GLY B 94 8.13 5.06 7.69
CA GLY B 94 9.33 5.23 6.89
C GLY B 94 10.54 5.26 7.79
N GLN B 95 11.62 5.86 7.28
CA GLN B 95 12.86 5.85 8.03
C GLN B 95 13.57 7.19 7.89
N TYR B 96 14.20 7.57 8.98
CA TYR B 96 15.09 8.73 9.04
C TYR B 96 16.47 8.31 8.56
N VAL B 97 16.96 8.99 7.54
CA VAL B 97 18.32 8.77 7.04
C VAL B 97 19.14 10.00 7.41
N GLY B 98 20.11 9.81 8.34
CA GLY B 98 21.06 10.85 8.67
C GLY B 98 22.22 10.92 7.70
N GLY B 99 22.92 12.04 7.74
CA GLY B 99 23.99 12.31 6.81
C GLY B 99 24.08 13.81 6.60
N ALA B 100 24.89 14.20 5.62
CA ALA B 100 25.03 15.62 5.35
C ALA B 100 23.67 16.26 5.06
N GLU B 101 22.82 15.56 4.31
CA GLU B 101 21.51 16.05 3.92
C GLU B 101 20.48 15.05 4.43
N ALA B 102 19.99 15.31 5.62
CA ALA B 102 19.08 14.39 6.26
C ALA B 102 17.76 14.31 5.49
N ARG B 103 17.10 13.16 5.60
CA ARG B 103 15.93 12.81 4.82
C ARG B 103 15.05 11.91 5.66
N ILE B 104 13.74 12.09 5.58
CA ILE B 104 12.79 11.09 6.07
C ILE B 104 12.03 10.57 4.86
N ASN B 105 12.15 9.26 4.60
CA ASN B 105 11.44 8.60 3.50
C ASN B 105 10.28 7.80 4.06
N THR B 106 9.09 8.00 3.49
CA THR B 106 7.90 7.45 4.08
C THR B 106 6.97 6.94 2.99
N GLN B 107 6.04 6.13 3.43
CA GLN B 107 4.86 5.67 2.72
C GLN B 107 3.73 5.92 3.70
N TRP B 108 2.56 6.29 3.18
CA TRP B 108 1.49 6.70 4.09
C TRP B 108 0.20 6.07 3.65
N LEU B 109 -0.68 5.81 4.61
CA LEU B 109 -2.06 5.47 4.36
C LEU B 109 -2.97 6.54 4.89
N LEU B 110 -3.94 6.93 4.08
CA LEU B 110 -4.95 7.88 4.49
C LEU B 110 -6.29 7.16 4.40
N THR B 111 -6.96 6.99 5.53
CA THR B 111 -8.27 6.36 5.60
C THR B 111 -9.28 7.43 5.97
N TYR B 112 -10.44 7.41 5.33
CA TYR B 112 -11.51 8.32 5.66
C TYR B 112 -12.73 7.49 6.06
N GLY B 113 -13.55 8.06 6.94
CA GLY B 113 -14.69 7.31 7.46
C GLY B 113 -15.71 7.02 6.36
N THR B 114 -16.08 5.76 6.20
CA THR B 114 -17.08 5.36 5.22
C THR B 114 -18.19 4.57 5.92
N THR B 115 -19.31 4.40 5.21
CA THR B 115 -20.19 3.30 5.53
C THR B 115 -19.50 1.97 5.18
N GLU B 116 -20.11 0.85 5.60
CA GLU B 116 -19.53 -0.45 5.28
C GLU B 116 -19.61 -0.75 3.78
N ALA B 117 -20.63 -0.24 3.10
CA ALA B 117 -20.77 -0.48 1.67
C ALA B 117 -19.62 0.12 0.89
N ASN B 118 -19.11 1.28 1.32
CA ASN B 118 -18.06 1.95 0.58
C ASN B 118 -16.69 1.75 1.20
N ALA B 119 -16.58 0.84 2.18
CA ALA B 119 -15.29 0.62 2.86
C ALA B 119 -14.16 0.29 1.88
N TRP B 120 -14.48 -0.36 0.76
CA TRP B 120 -13.44 -0.83 -0.18
C TRP B 120 -12.65 0.34 -0.78
N MET B 121 -13.21 1.54 -0.73
CA MET B 121 -12.66 2.75 -1.33
C MET B 121 -12.18 3.74 -0.29
N SER B 122 -11.83 3.27 0.91
CA SER B 122 -11.60 4.20 2.01
C SER B 122 -10.15 4.60 2.22
N THR B 123 -9.21 4.04 1.48
CA THR B 123 -7.81 4.20 1.85
C THR B 123 -6.91 4.48 0.67
N LEU B 124 -6.32 5.69 0.67
CA LEU B 124 -5.31 6.07 -0.29
C LEU B 124 -3.95 5.74 0.26
N VAL B 125 -3.01 5.49 -0.65
CA VAL B 125 -1.63 5.20 -0.32
C VAL B 125 -0.75 6.13 -1.14
N GLY B 126 0.39 6.51 -0.58
CA GLY B 126 1.30 7.38 -1.29
C GLY B 126 2.66 7.31 -0.65
N HIS B 127 3.57 8.16 -1.12
CA HIS B 127 4.91 8.22 -0.57
C HIS B 127 5.33 9.67 -0.43
N ASP B 128 5.85 10.03 0.75
CA ASP B 128 6.37 11.34 1.04
C ASP B 128 7.85 11.25 1.44
N THR B 129 8.64 12.16 0.91
CA THR B 129 10.01 12.39 1.37
C THR B 129 10.13 13.79 1.95
N PHE B 130 10.60 13.86 3.20
CA PHE B 130 10.77 15.09 3.93
C PHE B 130 12.23 15.47 4.01
N THR B 131 12.51 16.76 3.84
CA THR B 131 13.84 17.31 3.99
C THR B 131 13.79 18.53 4.89
N LYS B 132 14.97 19.03 5.23
CA LYS B 132 15.09 20.20 6.10
C LYS B 132 15.15 21.49 5.30
N VAL B 133 15.15 21.43 3.98
CA VAL B 133 15.03 22.61 3.14
C VAL B 133 13.68 22.56 2.44
N LYS B 134 13.02 23.70 2.33
CA LYS B 134 11.75 23.73 1.61
C LYS B 134 11.85 22.86 0.33
N ARG C 12 0.79 -27.40 -13.42
CA ARG C 12 0.67 -27.52 -11.97
C ARG C 12 -0.62 -26.81 -11.49
N ASP C 13 -0.49 -25.62 -10.94
CA ASP C 13 -1.70 -24.91 -10.50
C ASP C 13 -2.45 -24.29 -11.67
N GLN C 14 -2.12 -24.65 -12.91
CA GLN C 14 -2.84 -24.11 -14.05
C GLN C 14 -4.34 -24.35 -13.91
N ALA C 15 -4.74 -25.59 -13.64
CA ALA C 15 -6.15 -25.89 -13.49
C ALA C 15 -6.69 -25.33 -12.19
N GLY C 16 -5.88 -25.30 -11.14
CA GLY C 16 -6.36 -24.81 -9.86
C GLY C 16 -6.78 -23.35 -9.91
N ILE C 17 -6.00 -22.52 -10.59
CA ILE C 17 -6.34 -21.12 -10.74
C ILE C 17 -7.45 -20.90 -11.75
N THR C 18 -7.43 -21.64 -12.84
CA THR C 18 -8.35 -21.39 -13.94
C THR C 18 -9.79 -21.55 -13.46
N GLY C 19 -10.62 -20.61 -13.79
CA GLY C 19 -12.04 -20.69 -13.51
C GLY C 19 -12.61 -19.34 -13.16
N THR C 20 -13.72 -19.40 -12.44
CA THR C 20 -14.51 -18.25 -12.02
C THR C 20 -14.35 -18.12 -10.53
N TRP C 21 -14.01 -16.90 -10.09
CA TRP C 21 -13.77 -16.59 -8.69
C TRP C 21 -14.57 -15.35 -8.30
N TYR C 22 -14.94 -15.28 -7.03
CA TYR C 22 -15.76 -14.20 -6.50
C TYR C 22 -15.07 -13.64 -5.27
N ASN C 23 -15.04 -12.32 -5.16
CA ASN C 23 -14.46 -11.71 -3.97
C ASN C 23 -15.57 -11.27 -3.03
N GLN C 24 -15.18 -10.71 -1.89
CA GLN C 24 -16.07 -10.26 -0.82
C GLN C 24 -17.03 -9.16 -1.27
N LEU C 25 -16.67 -8.40 -2.30
CA LEU C 25 -17.52 -7.35 -2.79
C LEU C 25 -18.61 -7.88 -3.68
N GLY C 26 -18.45 -9.10 -4.18
CA GLY C 26 -19.30 -9.63 -5.21
C GLY C 26 -18.75 -9.47 -6.60
N SER C 27 -17.51 -9.04 -6.76
CA SER C 27 -16.98 -8.99 -8.11
C SER C 27 -16.67 -10.39 -8.63
N THR C 28 -16.77 -10.53 -9.95
CA THR C 28 -16.52 -11.76 -10.66
C THR C 28 -15.20 -11.68 -11.42
N PHE C 29 -14.34 -12.64 -11.15
CA PHE C 29 -12.97 -12.72 -11.67
C PHE C 29 -12.92 -14.01 -12.49
N ILE C 30 -12.96 -13.88 -13.83
CA ILE C 30 -12.89 -15.04 -14.73
C ILE C 30 -11.49 -15.05 -15.31
N VAL C 31 -10.75 -16.09 -15.03
CA VAL C 31 -9.34 -16.14 -15.37
C VAL C 31 -9.00 -17.50 -15.97
N THR C 32 -8.10 -17.49 -16.93
CA THR C 32 -7.50 -18.69 -17.50
C THR C 32 -5.99 -18.55 -17.35
N ALA C 33 -5.39 -19.55 -16.72
CA ALA C 33 -3.96 -19.60 -16.50
C ALA C 33 -3.30 -20.48 -17.56
N GLY C 34 -2.39 -19.89 -18.34
CA GLY C 34 -1.71 -20.61 -19.38
C GLY C 34 -0.52 -21.39 -18.87
N ALA C 35 0.05 -22.19 -19.79
CA ALA C 35 1.04 -23.21 -19.42
C ALA C 35 2.27 -22.60 -18.76
N ASP C 36 2.76 -21.48 -19.29
CA ASP C 36 3.98 -20.88 -18.78
C ASP C 36 3.76 -19.52 -18.11
N GLY C 37 2.71 -19.41 -17.30
CA GLY C 37 2.57 -18.29 -16.39
C GLY C 37 1.71 -17.13 -16.85
N ALA C 38 1.03 -17.24 -17.97
CA ALA C 38 0.13 -16.18 -18.40
C ALA C 38 -1.19 -16.29 -17.64
N LEU C 39 -1.73 -15.14 -17.25
CA LEU C 39 -3.13 -15.02 -16.85
C LEU C 39 -3.88 -14.16 -17.86
N THR C 40 -5.08 -14.60 -18.25
CA THR C 40 -5.95 -13.85 -19.14
C THR C 40 -7.39 -14.04 -18.69
N GLY C 41 -8.27 -13.15 -19.13
CA GLY C 41 -9.65 -13.29 -18.73
C GLY C 41 -10.32 -11.95 -18.53
N THR C 42 -11.37 -11.93 -17.69
CA THR C 42 -12.16 -10.72 -17.52
C THR C 42 -12.53 -10.52 -16.05
N TYR C 43 -12.73 -9.25 -15.72
CA TYR C 43 -13.12 -8.83 -14.39
C TYR C 43 -14.42 -8.05 -14.50
N GLU C 44 -15.34 -8.31 -13.58
CA GLU C 44 -16.61 -7.60 -13.50
C GLU C 44 -16.68 -7.09 -12.06
N SER C 45 -16.51 -5.79 -11.88
CA SER C 45 -16.57 -5.24 -10.54
C SER C 45 -18.03 -5.11 -10.12
N ALA C 46 -18.31 -5.43 -8.88
CA ALA C 46 -19.64 -5.16 -8.35
C ALA C 46 -19.78 -3.74 -7.80
N VAL C 47 -18.71 -2.95 -7.80
CA VAL C 47 -18.70 -1.62 -7.21
C VAL C 47 -17.92 -0.65 -8.08
N GLY C 48 -18.07 0.63 -7.79
CA GLY C 48 -17.28 1.64 -8.47
C GLY C 48 -17.88 2.01 -9.83
N ASN C 49 -17.05 2.74 -10.59
CA ASN C 49 -17.42 3.28 -11.91
C ASN C 49 -17.08 2.21 -12.95
N ALA C 50 -17.93 1.20 -13.02
CA ALA C 50 -17.65 0.03 -13.84
C ALA C 50 -18.96 -0.61 -14.23
N GLU C 51 -19.02 -1.07 -15.48
CA GLU C 51 -20.17 -1.82 -15.97
C GLU C 51 -19.64 -3.00 -16.75
N SER C 52 -20.19 -4.18 -16.48
CA SER C 52 -19.93 -5.31 -17.36
C SER C 52 -18.51 -5.81 -17.18
N ARG C 53 -18.02 -6.58 -18.14
CA ARG C 53 -16.71 -7.21 -18.03
C ARG C 53 -15.64 -6.32 -18.64
N TYR C 54 -14.47 -6.33 -18.01
CA TYR C 54 -13.27 -5.68 -18.49
C TYR C 54 -12.14 -6.71 -18.68
N VAL C 55 -11.27 -6.42 -19.64
CA VAL C 55 -10.16 -7.31 -19.93
C VAL C 55 -9.14 -7.24 -18.80
N LEU C 56 -8.64 -8.40 -18.43
CA LEU C 56 -7.53 -8.48 -17.49
C LEU C 56 -6.40 -9.30 -18.08
N THR C 57 -5.19 -8.95 -17.70
CA THR C 57 -4.02 -9.76 -18.03
C THR C 57 -3.17 -9.85 -16.77
N GLY C 58 -2.46 -10.95 -16.64
CA GLY C 58 -1.55 -11.09 -15.52
C GLY C 58 -0.51 -12.16 -15.73
N ARG C 59 0.22 -12.46 -14.64
CA ARG C 59 1.23 -13.49 -14.59
C ARG C 59 1.07 -14.19 -13.24
N TYR C 60 1.24 -15.51 -13.26
CA TYR C 60 1.43 -16.29 -12.05
C TYR C 60 2.74 -17.05 -12.14
N ASP C 61 3.18 -17.53 -10.98
CA ASP C 61 4.38 -18.37 -10.88
C ASP C 61 4.00 -19.78 -11.29
N SER C 62 4.47 -20.24 -12.47
CA SER C 62 4.03 -21.55 -12.96
C SER C 62 4.88 -22.70 -12.42
N ALA C 63 5.86 -22.41 -11.56
CA ALA C 63 6.67 -23.46 -10.93
C ALA C 63 6.82 -23.14 -9.44
N PRO C 64 5.72 -23.15 -8.69
CA PRO C 64 5.76 -22.70 -7.29
C PRO C 64 6.58 -23.64 -6.40
N ALA C 65 6.98 -23.14 -5.23
CA ALA C 65 7.53 -24.03 -4.23
C ALA C 65 6.48 -25.09 -3.88
N THR C 66 6.93 -26.19 -3.29
CA THR C 66 5.96 -27.20 -2.87
C THR C 66 6.19 -27.46 -1.39
N ASP C 67 6.33 -26.37 -0.63
CA ASP C 67 6.70 -26.44 0.77
C ASP C 67 5.59 -25.87 1.62
N GLY C 68 4.36 -25.88 1.07
CA GLY C 68 3.17 -25.35 1.71
C GLY C 68 2.89 -23.91 1.42
N SER C 69 3.64 -23.29 0.54
CA SER C 69 3.55 -21.86 0.33
C SER C 69 2.67 -21.58 -0.88
N GLY C 70 2.01 -20.47 -0.84
CA GLY C 70 1.12 -20.06 -1.89
C GLY C 70 1.85 -19.80 -3.18
N THR C 71 1.07 -19.65 -4.22
CA THR C 71 1.55 -19.39 -5.56
C THR C 71 1.38 -17.90 -5.85
N ALA C 72 2.49 -17.21 -6.10
CA ALA C 72 2.40 -15.77 -6.33
C ALA C 72 1.73 -15.47 -7.65
N LEU C 73 0.89 -14.44 -7.67
CA LEU C 73 0.29 -13.92 -8.91
C LEU C 73 -0.07 -12.44 -8.78
N GLY C 74 -0.45 -11.87 -9.93
CA GLY C 74 -1.00 -10.55 -10.02
C GLY C 74 -1.61 -10.35 -11.40
N TRP C 75 -2.44 -9.33 -11.51
CA TRP C 75 -3.03 -9.00 -12.81
C TRP C 75 -3.48 -7.56 -12.74
N THR C 76 -3.78 -7.01 -13.92
CA THR C 76 -4.12 -5.62 -14.14
C THR C 76 -5.46 -5.58 -14.84
N VAL C 77 -6.35 -4.71 -14.39
CA VAL C 77 -7.51 -4.30 -15.15
C VAL C 77 -7.33 -2.80 -15.40
N ALA C 78 -7.63 -2.34 -16.61
CA ALA C 78 -7.86 -0.93 -16.92
C ALA C 78 -9.36 -0.76 -17.12
N TRP C 79 -9.94 0.25 -16.48
CA TRP C 79 -11.39 0.37 -16.37
C TRP C 79 -11.98 1.09 -17.59
N LYS C 80 -11.65 0.51 -18.74
CA LYS C 80 -12.25 0.83 -20.03
C LYS C 80 -12.72 -0.47 -20.66
N ASN C 81 -13.91 -0.42 -21.25
CA ASN C 81 -14.45 -1.50 -22.09
C ASN C 81 -15.37 -0.76 -23.06
N ASN C 82 -16.40 -1.41 -23.59
CA ASN C 82 -17.22 -0.72 -24.57
C ASN C 82 -18.38 0.06 -23.96
N TYR C 83 -18.58 -0.03 -22.65
CA TYR C 83 -19.68 0.65 -21.99
C TYR C 83 -19.26 1.95 -21.30
N ARG C 84 -18.06 2.02 -20.72
CA ARG C 84 -17.63 3.28 -20.11
C ARG C 84 -16.13 3.21 -19.86
N ASN C 85 -15.56 4.36 -19.49
CA ASN C 85 -14.13 4.47 -19.24
C ASN C 85 -13.91 5.28 -17.96
N ALA C 86 -13.42 4.63 -16.91
CA ALA C 86 -13.23 5.27 -15.62
C ALA C 86 -11.84 5.88 -15.46
N HIS C 87 -11.02 5.87 -16.52
CA HIS C 87 -9.68 6.43 -16.51
C HIS C 87 -8.94 6.01 -15.25
N SER C 88 -8.85 4.70 -15.10
CA SER C 88 -8.21 4.11 -13.94
C SER C 88 -7.84 2.67 -14.27
N ALA C 89 -6.84 2.18 -13.54
CA ALA C 89 -6.42 0.79 -13.61
C ALA C 89 -6.24 0.29 -12.18
N THR C 90 -6.57 -0.96 -11.97
CA THR C 90 -6.29 -1.63 -10.72
C THR C 90 -5.28 -2.73 -11.00
N THR C 91 -4.33 -2.94 -10.09
CA THR C 91 -3.52 -4.13 -10.08
C THR C 91 -3.71 -4.86 -8.76
N TRP C 92 -3.87 -6.16 -8.86
CA TRP C 92 -3.95 -7.06 -7.73
C TRP C 92 -2.66 -7.89 -7.70
N SER C 93 -2.07 -8.00 -6.52
CA SER C 93 -0.88 -8.79 -6.28
C SER C 93 -1.21 -9.71 -5.12
N GLY C 94 -0.95 -11.00 -5.27
CA GLY C 94 -1.47 -11.91 -4.26
C GLY C 94 -0.87 -13.29 -4.38
N GLN C 95 -1.49 -14.23 -3.68
CA GLN C 95 -1.08 -15.60 -3.81
C GLN C 95 -2.31 -16.49 -3.89
N TYR C 96 -2.21 -17.53 -4.70
CA TYR C 96 -3.21 -18.58 -4.79
C TYR C 96 -2.87 -19.65 -3.76
N VAL C 97 -3.84 -19.99 -2.90
CA VAL C 97 -3.69 -21.02 -1.87
C VAL C 97 -4.64 -22.18 -2.23
N GLY C 98 -4.08 -23.35 -2.53
CA GLY C 98 -4.87 -24.47 -2.95
C GLY C 98 -5.53 -25.17 -1.77
N GLY C 99 -6.15 -26.29 -2.07
CA GLY C 99 -6.64 -27.18 -1.05
C GLY C 99 -8.16 -27.23 -1.02
N ALA C 100 -8.67 -27.89 0.02
CA ALA C 100 -10.09 -28.09 0.24
C ALA C 100 -10.89 -26.95 -0.34
N GLU C 101 -10.72 -25.75 0.21
CA GLU C 101 -11.34 -24.54 -0.30
C GLU C 101 -10.25 -23.62 -0.83
N ALA C 102 -10.14 -23.52 -2.15
CA ALA C 102 -9.13 -22.66 -2.75
C ALA C 102 -9.47 -21.19 -2.51
N ARG C 103 -8.43 -20.38 -2.41
CA ARG C 103 -8.58 -18.96 -2.15
C ARG C 103 -7.48 -18.24 -2.90
N ILE C 104 -7.81 -17.08 -3.44
CA ILE C 104 -6.79 -16.15 -3.89
C ILE C 104 -6.87 -14.93 -2.99
N ASN C 105 -5.77 -14.69 -2.22
CA ASN C 105 -5.63 -13.56 -1.31
C ASN C 105 -4.81 -12.47 -1.98
N THR C 106 -5.38 -11.27 -2.08
CA THR C 106 -4.76 -10.17 -2.79
C THR C 106 -4.80 -8.86 -1.98
N GLN C 107 -3.86 -8.00 -2.34
CA GLN C 107 -3.85 -6.58 -2.08
C GLN C 107 -3.86 -5.88 -3.44
N TRP C 108 -4.51 -4.74 -3.52
CA TRP C 108 -4.65 -4.09 -4.82
C TRP C 108 -4.33 -2.61 -4.73
N LEU C 109 -3.80 -2.10 -5.86
CA LEU C 109 -3.57 -0.67 -6.09
C LEU C 109 -4.42 -0.18 -7.25
N LEU C 110 -5.33 0.74 -6.95
CA LEU C 110 -6.17 1.39 -7.94
C LEU C 110 -5.68 2.82 -8.11
N THR C 111 -5.18 3.14 -9.30
CA THR C 111 -4.69 4.46 -9.68
C THR C 111 -5.61 5.06 -10.74
N TYR C 112 -5.94 6.34 -10.61
CA TYR C 112 -6.72 7.00 -11.65
C TYR C 112 -5.94 8.17 -12.20
N GLY C 113 -6.30 8.57 -13.43
CA GLY C 113 -5.61 9.68 -14.05
C GLY C 113 -5.80 10.96 -13.25
N THR C 114 -4.71 11.70 -13.12
CA THR C 114 -4.74 12.96 -12.40
C THR C 114 -3.80 13.93 -13.08
N THR C 115 -3.98 15.21 -12.74
CA THR C 115 -2.97 16.19 -13.01
C THR C 115 -1.78 15.97 -12.07
N GLU C 116 -0.70 16.68 -12.37
CA GLU C 116 0.53 16.46 -11.63
C GLU C 116 0.38 16.91 -10.18
N ALA C 117 -0.23 18.09 -9.98
CA ALA C 117 -0.45 18.60 -8.63
C ALA C 117 -1.48 17.79 -7.85
N ASN C 118 -2.30 16.99 -8.52
CA ASN C 118 -3.17 16.07 -7.79
C ASN C 118 -2.66 14.65 -7.77
N ALA C 119 -1.43 14.39 -8.22
CA ALA C 119 -0.90 13.03 -8.24
C ALA C 119 -0.88 12.41 -6.85
N TRP C 120 -0.69 13.21 -5.81
CA TRP C 120 -0.56 12.66 -4.47
C TRP C 120 -1.78 11.87 -4.03
N MET C 121 -2.93 12.07 -4.66
CA MET C 121 -4.17 11.43 -4.22
C MET C 121 -4.68 10.44 -5.26
N SER C 122 -3.77 9.92 -6.07
CA SER C 122 -4.17 9.16 -7.25
C SER C 122 -4.49 7.70 -6.97
N THR C 123 -4.00 7.10 -5.87
CA THR C 123 -4.00 5.64 -5.74
C THR C 123 -4.68 5.18 -4.46
N LEU C 124 -5.68 4.34 -4.63
CA LEU C 124 -6.30 3.62 -3.54
C LEU C 124 -5.54 2.32 -3.33
N VAL C 125 -5.63 1.82 -2.10
CA VAL C 125 -5.12 0.51 -1.75
C VAL C 125 -6.24 -0.25 -1.02
N GLY C 126 -6.28 -1.56 -1.25
CA GLY C 126 -7.18 -2.41 -0.51
C GLY C 126 -6.81 -3.87 -0.64
N HIS C 127 -7.68 -4.72 -0.13
CA HIS C 127 -7.47 -6.14 -0.13
C HIS C 127 -8.74 -6.86 -0.55
N ASP C 128 -8.57 -7.89 -1.38
CA ASP C 128 -9.66 -8.69 -1.95
C ASP C 128 -9.31 -10.15 -1.72
N THR C 129 -10.30 -10.91 -1.27
CA THR C 129 -10.15 -12.35 -1.14
C THR C 129 -11.18 -13.01 -2.05
N PHE C 130 -10.70 -13.79 -3.00
CA PHE C 130 -11.52 -14.49 -3.97
C PHE C 130 -11.67 -15.95 -3.57
N THR C 131 -12.90 -16.44 -3.67
CA THR C 131 -13.17 -17.86 -3.53
C THR C 131 -14.05 -18.31 -4.69
N LYS C 132 -14.44 -19.57 -4.67
CA LYS C 132 -15.34 -20.10 -5.69
C LYS C 132 -16.79 -20.11 -5.22
N VAL C 133 -17.18 -19.11 -4.41
CA VAL C 133 -18.46 -19.08 -3.73
C VAL C 133 -19.05 -17.68 -3.78
N LYS C 134 -20.38 -17.61 -3.89
CA LYS C 134 -21.09 -16.33 -3.88
C LYS C 134 -20.48 -15.41 -4.93
N GLY D 11 -4.02 4.25 -30.64
CA GLY D 11 -4.30 4.65 -29.27
C GLY D 11 -3.53 5.88 -28.83
N ARG D 12 -4.13 6.70 -27.97
CA ARG D 12 -3.49 7.90 -27.46
C ARG D 12 -2.47 7.52 -26.39
N ASP D 13 -1.23 7.98 -26.56
CA ASP D 13 -0.08 7.53 -25.78
C ASP D 13 0.31 6.10 -26.12
N GLN D 14 -0.19 5.54 -27.22
CA GLN D 14 0.27 4.22 -27.64
C GLN D 14 1.73 4.26 -28.07
N ALA D 15 2.19 5.42 -28.55
CA ALA D 15 3.58 5.59 -28.97
C ALA D 15 4.47 6.18 -27.88
N GLY D 16 3.92 7.03 -27.00
CA GLY D 16 4.71 7.54 -25.89
C GLY D 16 5.01 6.46 -24.86
N ILE D 17 3.99 5.70 -24.48
CA ILE D 17 4.18 4.61 -23.54
C ILE D 17 5.20 3.61 -24.10
N THR D 18 5.04 3.26 -25.38
CA THR D 18 5.91 2.26 -26.01
C THR D 18 7.38 2.70 -25.96
N GLY D 19 8.26 1.79 -25.57
CA GLY D 19 9.68 2.05 -25.56
C GLY D 19 10.36 1.43 -24.34
N THR D 20 11.56 1.94 -24.06
CA THR D 20 12.45 1.36 -23.06
C THR D 20 12.67 2.37 -21.94
N TRP D 21 12.21 2.04 -20.75
CA TRP D 21 12.16 2.91 -19.59
C TRP D 21 13.12 2.42 -18.51
N TYR D 22 13.52 3.35 -17.64
CA TYR D 22 14.35 3.01 -16.49
C TYR D 22 13.83 3.71 -15.26
N ASN D 23 13.81 2.99 -14.14
CA ASN D 23 13.40 3.56 -12.87
C ASN D 23 14.64 3.96 -12.07
N GLN D 24 14.38 4.43 -10.84
CA GLN D 24 15.41 4.96 -9.95
C GLN D 24 16.42 3.91 -9.47
N LEU D 25 16.07 2.62 -9.53
CA LEU D 25 16.99 1.57 -9.14
C LEU D 25 17.92 1.12 -10.27
N GLY D 26 17.71 1.61 -11.49
CA GLY D 26 18.41 1.10 -12.66
C GLY D 26 17.76 -0.06 -13.36
N SER D 27 16.58 -0.50 -12.91
CA SER D 27 15.84 -1.55 -13.60
C SER D 27 15.36 -1.07 -14.96
N THR D 28 15.15 -2.04 -15.86
CA THR D 28 14.86 -1.75 -17.25
C THR D 28 13.50 -2.32 -17.65
N PHE D 29 12.69 -1.47 -18.26
CA PHE D 29 11.28 -1.73 -18.47
C PHE D 29 11.04 -1.55 -19.96
N ILE D 30 10.88 -2.66 -20.69
CA ILE D 30 10.76 -2.64 -22.14
C ILE D 30 9.35 -3.07 -22.49
N VAL D 31 8.60 -2.19 -23.12
CA VAL D 31 7.16 -2.38 -23.22
C VAL D 31 6.68 -2.02 -24.60
N THR D 32 5.58 -2.65 -25.00
CA THR D 32 4.87 -2.28 -26.20
C THR D 32 3.39 -2.18 -25.87
N ALA D 33 2.79 -1.06 -26.25
CA ALA D 33 1.38 -0.81 -26.01
C ALA D 33 0.63 -1.13 -27.28
N GLY D 34 -0.52 -1.79 -27.12
CA GLY D 34 -1.44 -1.99 -28.22
C GLY D 34 -2.47 -0.88 -28.28
N ALA D 35 -3.07 -0.72 -29.47
CA ALA D 35 -3.94 0.41 -29.69
C ALA D 35 -5.18 0.40 -28.79
N ASP D 36 -5.55 -0.76 -28.23
CA ASP D 36 -6.77 -0.84 -27.42
C ASP D 36 -6.54 -1.23 -25.96
N GLY D 37 -5.30 -1.25 -25.48
CA GLY D 37 -5.09 -1.29 -24.04
C GLY D 37 -3.99 -2.20 -23.52
N ALA D 38 -3.55 -3.15 -24.34
CA ALA D 38 -2.61 -4.15 -23.83
C ALA D 38 -1.21 -3.59 -23.66
N LEU D 39 -0.55 -4.04 -22.59
CA LEU D 39 0.87 -3.81 -22.33
C LEU D 39 1.54 -5.18 -22.34
N THR D 40 2.57 -5.32 -23.17
CA THR D 40 3.40 -6.53 -23.26
C THR D 40 4.86 -6.08 -23.36
N GLY D 41 5.76 -6.90 -22.85
CA GLY D 41 7.18 -6.60 -22.88
C GLY D 41 7.94 -7.42 -21.86
N THR D 42 9.10 -6.92 -21.46
CA THR D 42 9.97 -7.56 -20.50
C THR D 42 10.47 -6.57 -19.46
N TYR D 43 10.87 -7.13 -18.31
CA TYR D 43 11.35 -6.35 -17.17
C TYR D 43 12.63 -6.99 -16.65
N GLU D 44 13.65 -6.16 -16.45
CA GLU D 44 14.96 -6.59 -15.95
C GLU D 44 15.22 -5.79 -14.68
N SER D 45 15.09 -6.46 -13.53
CA SER D 45 15.25 -5.76 -12.26
C SER D 45 16.72 -5.56 -11.95
N ALA D 46 17.05 -4.43 -11.37
CA ALA D 46 18.44 -4.19 -11.04
C ALA D 46 18.79 -4.68 -9.66
N VAL D 47 17.80 -5.02 -8.85
CA VAL D 47 17.98 -5.44 -7.48
C VAL D 47 17.12 -6.66 -7.23
N GLY D 48 17.39 -7.34 -6.12
CA GLY D 48 16.50 -8.39 -5.67
C GLY D 48 16.93 -9.72 -6.25
N ASN D 49 16.05 -10.72 -6.13
CA ASN D 49 16.40 -12.10 -6.51
C ASN D 49 15.96 -12.27 -7.96
N ALA D 50 16.78 -11.74 -8.86
CA ALA D 50 16.38 -11.63 -10.25
C ALA D 50 17.63 -11.45 -11.09
N GLU D 51 17.60 -12.05 -12.28
CA GLU D 51 18.62 -11.83 -13.29
C GLU D 51 17.96 -11.92 -14.65
N SER D 52 18.47 -11.13 -15.57
CA SER D 52 17.96 -11.16 -16.94
C SER D 52 16.53 -10.63 -17.00
N ARG D 53 15.84 -10.97 -18.09
CA ARG D 53 14.54 -10.43 -18.40
C ARG D 53 13.41 -11.36 -18.01
N TYR D 54 12.33 -10.78 -17.55
CA TYR D 54 11.13 -11.50 -17.15
C TYR D 54 9.94 -10.95 -17.95
N VAL D 55 9.05 -11.85 -18.35
CA VAL D 55 7.85 -11.45 -19.06
C VAL D 55 7.01 -10.52 -18.21
N LEU D 56 6.37 -9.53 -18.85
CA LEU D 56 5.41 -8.69 -18.18
C LEU D 56 4.21 -8.48 -19.10
N THR D 57 3.08 -8.25 -18.48
CA THR D 57 1.88 -7.95 -19.20
C THR D 57 1.05 -7.02 -18.33
N GLY D 58 0.25 -6.20 -18.99
CA GLY D 58 -0.52 -5.23 -18.24
C GLY D 58 -1.53 -4.58 -19.14
N ARG D 59 -2.13 -3.51 -18.64
CA ARG D 59 -3.11 -2.75 -19.41
C ARG D 59 -2.92 -1.26 -19.16
N TYR D 60 -3.43 -0.46 -20.07
CA TYR D 60 -3.44 0.98 -19.86
C TYR D 60 -4.72 1.54 -20.45
N ASP D 61 -5.07 2.74 -20.02
CA ASP D 61 -6.23 3.47 -20.51
C ASP D 61 -5.89 4.07 -21.88
N SER D 62 -6.46 3.53 -22.96
CA SER D 62 -6.08 3.91 -24.31
C SER D 62 -6.82 5.15 -24.79
N ALA D 63 -7.81 5.62 -24.04
CA ALA D 63 -8.57 6.82 -24.36
C ALA D 63 -8.58 7.73 -23.13
N PRO D 64 -7.42 8.20 -22.70
CA PRO D 64 -7.37 9.01 -21.47
C PRO D 64 -8.06 10.34 -21.70
N ALA D 65 -8.56 10.91 -20.61
CA ALA D 65 -8.93 12.31 -20.62
C ALA D 65 -7.77 13.13 -21.15
N THR D 66 -7.94 13.75 -22.31
CA THR D 66 -7.03 14.80 -22.78
C THR D 66 -7.44 16.13 -22.13
N ASP D 67 -7.31 16.16 -20.81
CA ASP D 67 -7.83 17.20 -19.95
C ASP D 67 -7.02 17.14 -18.65
N GLY D 68 -5.72 17.50 -18.74
CA GLY D 68 -4.84 17.55 -17.58
C GLY D 68 -4.36 16.20 -17.06
N SER D 69 -5.22 15.22 -17.11
CA SER D 69 -4.96 14.01 -16.35
C SER D 69 -3.89 13.14 -17.01
N GLY D 70 -3.21 12.33 -16.17
CA GLY D 70 -2.34 11.28 -16.65
C GLY D 70 -3.10 10.05 -17.12
N THR D 71 -2.36 9.14 -17.75
CA THR D 71 -2.93 7.93 -18.35
C THR D 71 -2.66 6.73 -17.45
N ALA D 72 -3.72 6.26 -16.82
CA ALA D 72 -3.66 5.17 -15.87
C ALA D 72 -3.23 3.86 -16.50
N LEU D 73 -2.36 3.13 -15.80
CA LEU D 73 -1.81 1.89 -16.33
C LEU D 73 -1.28 1.03 -15.21
N GLY D 74 -1.13 -0.25 -15.54
CA GLY D 74 -0.61 -1.19 -14.59
C GLY D 74 -0.04 -2.41 -15.29
N TRP D 75 0.90 -3.07 -14.64
CA TRP D 75 1.47 -4.29 -15.21
C TRP D 75 2.02 -5.19 -14.13
N THR D 76 2.23 -6.46 -14.51
CA THR D 76 2.65 -7.53 -13.61
C THR D 76 3.87 -8.25 -14.16
N VAL D 77 4.80 -8.59 -13.29
CA VAL D 77 5.90 -9.52 -13.52
C VAL D 77 5.79 -10.60 -12.47
N ALA D 78 5.77 -11.86 -12.91
CA ALA D 78 6.08 -12.99 -12.05
C ALA D 78 7.58 -13.24 -12.22
N TRP D 79 8.29 -13.38 -11.08
CA TRP D 79 9.74 -13.47 -11.12
C TRP D 79 10.24 -14.88 -11.37
N LYS D 80 9.76 -15.50 -12.42
CA LYS D 80 10.30 -16.76 -12.91
C LYS D 80 10.68 -16.60 -14.38
N ASN D 81 11.88 -17.07 -14.71
CA ASN D 81 12.34 -17.16 -16.10
C ASN D 81 13.28 -18.36 -16.18
N ASN D 82 14.11 -18.41 -17.23
CA ASN D 82 14.91 -19.61 -17.47
C ASN D 82 16.10 -19.68 -16.54
N TYR D 83 16.41 -18.62 -15.80
CA TYR D 83 17.55 -18.65 -14.89
C TYR D 83 17.15 -18.77 -13.42
N ARG D 84 16.18 -17.98 -12.97
CA ARG D 84 15.78 -17.95 -11.56
C ARG D 84 14.27 -18.10 -11.42
N ASN D 85 13.84 -18.54 -10.24
CA ASN D 85 12.43 -18.49 -9.86
C ASN D 85 12.41 -17.96 -8.42
N ALA D 86 11.98 -16.70 -8.25
CA ALA D 86 11.93 -16.11 -6.93
C ALA D 86 10.59 -16.26 -6.23
N HIS D 87 9.68 -17.06 -6.79
CA HIS D 87 8.39 -17.37 -6.13
C HIS D 87 7.67 -16.12 -5.65
N SER D 88 7.59 -15.17 -6.55
CA SER D 88 7.00 -13.88 -6.21
C SER D 88 6.53 -13.21 -7.50
N ALA D 89 5.71 -12.17 -7.32
CA ALA D 89 5.17 -11.37 -8.41
C ALA D 89 5.09 -9.93 -7.91
N THR D 90 5.27 -9.01 -8.84
CA THR D 90 5.17 -7.58 -8.58
C THR D 90 4.13 -7.00 -9.54
N THR D 91 3.26 -6.13 -9.04
CA THR D 91 2.32 -5.38 -9.86
C THR D 91 2.56 -3.89 -9.63
N TRP D 92 2.65 -3.13 -10.70
CA TRP D 92 2.83 -1.70 -10.65
C TRP D 92 1.54 -1.07 -11.16
N SER D 93 1.08 -0.02 -10.46
CA SER D 93 0.00 0.78 -11.01
C SER D 93 0.33 2.25 -10.75
N GLY D 94 -0.18 3.09 -11.63
CA GLY D 94 0.35 4.42 -11.77
C GLY D 94 -0.24 5.07 -12.99
N GLN D 95 0.43 6.13 -13.45
CA GLN D 95 0.00 6.89 -14.60
C GLN D 95 1.23 7.29 -15.41
N TYR D 96 1.04 7.31 -16.73
CA TYR D 96 1.99 7.90 -17.67
C TYR D 96 1.67 9.37 -17.75
N VAL D 97 2.69 10.20 -17.61
CA VAL D 97 2.57 11.65 -17.76
C VAL D 97 3.41 12.04 -18.95
N GLY D 98 2.77 12.48 -20.03
CA GLY D 98 3.49 12.96 -21.19
C GLY D 98 4.02 14.36 -20.96
N GLY D 99 4.64 14.90 -22.00
CA GLY D 99 5.21 16.23 -21.94
C GLY D 99 6.64 16.19 -22.41
N ALA D 100 7.41 17.19 -21.98
CA ALA D 100 8.82 17.25 -22.37
C ALA D 100 9.64 16.14 -21.72
N GLU D 101 9.39 15.83 -20.44
CA GLU D 101 9.89 14.61 -19.83
C GLU D 101 8.70 13.67 -19.64
N ALA D 102 8.53 12.72 -20.53
CA ALA D 102 7.53 11.68 -20.28
C ALA D 102 7.99 10.89 -19.05
N ARG D 103 7.05 10.64 -18.15
CA ARG D 103 7.30 9.93 -16.91
C ARG D 103 6.28 8.82 -16.74
N ILE D 104 6.69 7.76 -16.08
CA ILE D 104 5.75 6.79 -15.53
C ILE D 104 6.02 6.71 -14.04
N ASN D 105 5.02 7.03 -13.24
CA ASN D 105 5.13 7.06 -11.81
C ASN D 105 4.18 6.03 -11.27
N THR D 106 4.71 5.15 -10.44
CA THR D 106 4.01 3.97 -10.00
C THR D 106 4.20 3.76 -8.50
N GLN D 107 3.26 3.01 -7.94
CA GLN D 107 3.40 2.33 -6.67
C GLN D 107 3.36 0.84 -7.01
N TRP D 108 4.00 0.03 -6.23
CA TRP D 108 4.05 -1.36 -6.58
C TRP D 108 3.77 -2.20 -5.34
N LEU D 109 3.33 -3.42 -5.62
CA LEU D 109 3.10 -4.41 -4.60
C LEU D 109 3.85 -5.66 -5.03
N LEU D 110 4.72 -6.17 -4.17
CA LEU D 110 5.43 -7.40 -4.43
C LEU D 110 4.97 -8.42 -3.40
N THR D 111 4.43 -9.52 -3.88
CA THR D 111 3.98 -10.63 -3.07
C THR D 111 4.85 -11.82 -3.38
N TYR D 112 5.09 -12.62 -2.35
CA TYR D 112 5.93 -13.79 -2.50
C TYR D 112 5.21 -14.89 -1.77
N GLY D 113 5.38 -16.12 -2.24
CA GLY D 113 4.66 -17.22 -1.72
C GLY D 113 4.98 -17.38 -0.28
N THR D 114 3.96 -17.56 0.55
CA THR D 114 4.19 -17.82 1.96
C THR D 114 3.25 -18.93 2.38
N THR D 115 3.58 -19.54 3.52
CA THR D 115 2.65 -20.34 4.26
C THR D 115 1.52 -19.46 4.78
N GLU D 116 0.46 -20.13 5.24
CA GLU D 116 -0.72 -19.39 5.74
C GLU D 116 -0.38 -18.59 6.99
N ALA D 117 0.36 -19.20 7.91
CA ALA D 117 0.76 -18.51 9.13
C ALA D 117 1.65 -17.32 8.87
N ASN D 118 2.24 -17.20 7.68
CA ASN D 118 3.15 -16.10 7.37
C ASN D 118 2.57 -15.18 6.32
N ALA D 119 1.29 -15.37 5.94
CA ALA D 119 0.70 -14.55 4.90
C ALA D 119 0.73 -13.08 5.30
N TRP D 120 0.70 -12.79 6.59
CA TRP D 120 0.73 -11.39 7.00
C TRP D 120 1.96 -10.65 6.45
N MET D 121 3.08 -11.35 6.26
CA MET D 121 4.31 -10.68 5.86
C MET D 121 4.62 -10.87 4.37
N SER D 122 3.61 -11.07 3.55
CA SER D 122 3.85 -11.58 2.23
C SER D 122 4.02 -10.51 1.18
N THR D 123 3.79 -9.22 1.51
CA THR D 123 3.65 -8.21 0.46
C THR D 123 4.43 -6.97 0.82
N LEU D 124 5.32 -6.54 -0.09
CA LEU D 124 6.08 -5.31 -0.01
C LEU D 124 5.41 -4.27 -0.87
N VAL D 125 5.47 -3.00 -0.42
CA VAL D 125 4.93 -1.87 -1.16
C VAL D 125 6.06 -0.88 -1.36
N GLY D 126 5.99 -0.23 -2.51
CA GLY D 126 7.03 0.73 -2.81
C GLY D 126 6.59 1.55 -3.99
N HIS D 127 7.53 2.29 -4.53
CA HIS D 127 7.19 3.19 -5.62
C HIS D 127 8.39 3.34 -6.53
N ASP D 128 8.12 3.34 -7.83
CA ASP D 128 9.13 3.43 -8.85
C ASP D 128 8.74 4.57 -9.79
N THR D 129 9.75 5.34 -10.17
CA THR D 129 9.58 6.38 -11.18
C THR D 129 10.36 5.94 -12.39
N PHE D 130 9.72 5.92 -13.55
CA PHE D 130 10.40 5.59 -14.79
C PHE D 130 10.46 6.76 -15.73
N THR D 131 11.61 6.93 -16.35
CA THR D 131 11.74 7.84 -17.45
C THR D 131 12.51 7.11 -18.53
N LYS D 132 12.50 7.67 -19.72
CA LYS D 132 13.06 7.03 -20.89
C LYS D 132 14.55 7.28 -21.03
N VAL D 133 15.16 7.93 -20.04
CA VAL D 133 16.59 8.18 -20.03
C VAL D 133 17.27 7.11 -19.17
N LYS D 134 18.35 6.53 -19.68
CA LYS D 134 19.11 5.53 -18.93
C LYS D 134 19.48 6.05 -17.55
C10 WZQ E . 15.98 -8.88 4.12
C11 WZQ E . 17.17 -8.56 4.98
C12 WZQ E . 16.81 -7.74 6.21
C13 WZQ E . 10.43 -6.48 10.19
C14 WZQ E . 10.64 -7.14 11.55
C16 WZQ E . 8.86 -7.16 13.31
C18 WZQ E . 8.12 -6.59 14.50
C19 WZQ E . 6.61 -6.43 14.33
C20 WZQ E . 5.86 -7.41 13.41
C21 WZQ E . 4.35 -7.40 13.71
C22 WZQ E . 3.42 -6.66 12.54
C23 WZQ E . 2.18 -7.78 12.47
C25 WZQ E . 0.24 -7.67 13.74
C02 WZQ E . 12.76 -6.82 9.35
C03 WZQ E . 13.45 -7.52 8.14
C04 WZQ E . 14.78 -7.28 7.78
C05 WZQ E . 15.33 -7.97 6.65
C06 WZQ E . 14.51 -8.87 5.93
C07 WZQ E . 13.17 -9.06 6.35
C28 WZQ E . 0.99 -6.98 11.62
C29 WZQ E . 1.51 -5.56 11.48
N01 WZQ E . 11.32 -7.08 9.18
N08 WZQ E . 12.70 -8.39 7.41
N15 WZQ E . 9.95 -6.43 12.63
N24 WZQ E . 1.73 -8.13 13.65
N27 WZQ E . -0.09 -7.00 12.42
O09 WZQ E . 15.01 -9.60 4.79
O17 WZQ E . 8.64 -8.27 12.98
O26 WZQ E . -0.46 -7.83 14.70
S30 WZQ E . 2.77 -5.31 12.72
H102 WZQ E . 15.54 -7.94 3.77
H101 WZQ E . 16.31 -9.44 3.26
H112 WZQ E . 17.88 -8.00 4.39
H111 WZQ E . 17.59 -9.51 5.33
H121 WZQ E . 17.47 -8.02 7.03
H122 WZQ E . 16.95 -6.70 5.99
H131 WZQ E . 9.41 -6.60 9.89
H132 WZQ E . 10.66 -5.43 10.28
H141 WZQ E . 11.70 -7.16 11.77
H142 WZQ E . 10.26 -8.15 11.49
H182 WZQ E . 8.29 -7.24 15.35
H181 WZQ E . 8.54 -5.62 14.71
H192 WZQ E . 6.16 -6.52 15.32
H191 WZQ E . 6.42 -5.43 13.96
H201 WZQ E . 6.02 -7.11 12.37
H202 WZQ E . 6.25 -8.41 13.54
H212 WZQ E . 4.01 -8.41 13.81
H211 WZQ E . 4.19 -6.87 14.64
H221 WZQ E . 4.05 -6.39 11.69
H231 WZQ E . 2.48 -8.69 11.95
H022 WZQ E . 13.12 -7.24 10.28
H021 WZQ E . 12.96 -5.75 9.34
H041 WZQ E . 15.39 -6.59 8.34
H071 WZQ E . 12.52 -9.75 5.82
H281 WZQ E . 0.78 -7.41 10.64
H292 WZQ E . 0.71 -4.87 11.63
H291 WZQ E . 1.95 -5.44 10.49
H011 WZQ E . 11.05 -6.69 8.30
H151 WZQ E . 10.19 -5.49 12.90
H241 WZQ E . 2.24 -8.60 14.36
H271 WZQ E . -0.99 -6.63 12.17
MN MN F . 10.17 -8.59 7.73
MN MN G . 12.64 -10.01 0.21
BR BR H . 12.42 -9.78 10.67
C10 WZQ I . -15.34 9.39 -2.93
C11 WZQ I . -16.48 9.93 -2.14
C12 WZQ I . -16.08 10.28 -0.72
C13 WZQ I . -9.75 12.59 2.43
C14 WZQ I . -10.02 13.94 3.06
C16 WZQ I . -7.79 14.93 3.64
C18 WZQ I . -6.70 15.09 4.69
C19 WZQ I . -5.53 15.94 4.16
C20 WZQ I . -4.20 15.14 4.16
C21 WZQ I . -3.52 15.10 2.78
C22 WZQ I . -2.42 13.90 2.67
C23 WZQ I . -1.18 14.62 1.74
C25 WZQ I . 0.78 15.43 2.71
C02 WZQ I . -11.91 11.99 1.77
C03 WZQ I . -12.65 11.51 0.52
C04 WZQ I . -14.00 11.13 0.54
C05 WZQ I . -14.58 10.72 -0.68
C06 WZQ I . -13.79 10.71 -1.86
C07 WZQ I . -12.44 11.12 -1.80
C28 WZQ I . 0.02 13.44 1.86
C29 WZQ I . -0.53 12.45 2.83
N01 WZQ I . -10.61 12.43 1.28
N08 WZQ I . -11.93 11.49 -0.62
N15 WZQ I . -8.94 14.09 4.02
N24 WZQ I . -0.70 15.71 2.22
N27 WZQ I . 1.11 14.00 2.39
O09 WZQ I . -14.34 10.30 -3.11
O17 WZQ I . -7.75 15.47 2.56
O26 WZQ I . 1.54 16.21 3.17
S30 WZQ I . -1.66 13.33 3.84
H102 WZQ I . -14.92 8.54 -2.40
H101 WZQ I . -15.70 9.09 -3.90
H112 WZQ I . -17.25 9.17 -2.10
H111 WZQ I . -16.84 10.83 -2.62
H121 WZQ I . -16.70 11.09 -0.37
H122 WZQ I . -16.22 9.42 -0.10
H131 WZQ I . -9.93 11.81 3.14
H132 WZQ I . -8.71 12.54 2.12
H141 WZQ I . -10.00 14.73 2.32
H142 WZQ I . -10.99 13.94 3.55
H182 WZQ I . -7.11 15.57 5.57
H181 WZQ I . -6.33 14.11 4.97
H192 WZQ I . -5.76 16.25 3.15
H191 WZQ I . -5.43 16.82 4.79
H201 WZQ I . -3.52 15.60 4.87
H202 WZQ I . -4.40 14.12 4.49
H212 WZQ I . -4.29 14.95 2.03
H211 WZQ I . -3.03 16.05 2.61
H221 WZQ I . -2.96 13.02 2.34
H231 WZQ I . -1.51 14.84 0.72
H022 WZQ I . -12.45 12.80 2.25
H021 WZQ I . -11.80 11.16 2.49
H041 WZQ I . -14.57 11.16 1.46
H071 WZQ I . -11.83 11.13 -2.70
H281 WZQ I . 0.23 13.00 0.87
H292 WZQ I . 0.27 12.05 3.43
H291 WZQ I . -1.05 11.66 2.30
H011 WZQ I . -10.70 13.30 0.79
H151 WZQ I . -8.97 13.64 4.92
H241 WZQ I . -1.18 16.58 2.28
H271 WZQ I . 1.99 13.53 2.56
MN MN J . -9.88 11.90 -0.96
MN MN K . -13.23 6.88 -7.12
C10 WZQ L . -11.08 12.62 -5.18
C11 WZQ L . -11.01 13.66 -6.27
C12 WZQ L . -11.41 13.21 -7.67
C13 WZQ L . -12.28 6.31 -10.73
C14 WZQ L . -12.36 4.98 -9.97
C16 WZQ L . -13.55 2.82 -10.65
C18 WZQ L . -13.61 1.57 -11.54
C19 WZQ L . -13.93 0.27 -10.74
C20 WZQ L . -12.96 0.03 -9.58
C21 WZQ L . -13.28 -1.26 -8.83
C22 WZQ L . -12.13 -1.60 -7.74
C23 WZQ L . -12.93 -2.49 -6.56
C25 WZQ L . -13.22 -4.77 -6.77
C02 WZQ L . -11.96 8.68 -10.16
C03 WZQ L . -12.00 9.57 -8.89
C04 WZQ L . -11.69 10.95 -8.93
C05 WZQ L . -11.76 11.69 -7.72
C06 WZQ L . -12.12 11.05 -6.52
C07 WZQ L . -12.43 9.66 -6.57
C28 WZQ L . -11.70 -3.31 -5.77
C29 WZQ L . -10.49 -2.93 -6.49
N01 WZQ L . -12.42 7.35 -9.71
N08 WZQ L . -12.36 9.00 -7.73
N15 WZQ L . -12.46 3.79 -10.81
N24 WZQ L . -13.71 -3.35 -7.13
N27 WZQ L . -11.96 -4.60 -5.95
O09 WZQ L . -12.18 11.79 -5.29
O17 WZQ L . -14.37 2.99 -9.82
O26 WZQ L . -13.73 -5.84 -7.12
S30 WZQ L . -10.98 -2.48 -8.12
H102 WZQ L . -10.18 12.01 -5.23
H101 WZQ L . -11.12 13.13 -4.22
H112 WZQ L . -9.99 14.01 -6.32
H111 WZQ L . -11.68 14.47 -5.99
H121 WZQ L . -12.27 13.78 -7.99
H122 WZQ L . -10.59 13.41 -8.35
H131 WZQ L . -11.34 6.39 -11.23
H132 WZQ L . -13.08 6.38 -11.44
H141 WZQ L . -13.24 5.00 -9.32
H142 WZQ L . -11.47 4.88 -9.36
H182 WZQ L . -14.38 1.71 -12.29
H181 WZQ L . -12.66 1.44 -12.04
H192 WZQ L . -14.93 0.35 -10.34
H191 WZQ L . -13.88 -0.59 -11.42
H201 WZQ L . -11.94 -0.03 -9.97
H202 WZQ L . -13.01 0.87 -8.89
H212 WZQ L . -14.23 -1.16 -8.32
H211 WZQ L . -13.35 -2.09 -9.54
H221 WZQ L . -11.64 -0.67 -7.46
H231 WZQ L . -13.50 -1.87 -5.86
H022 WZQ L . -12.63 9.07 -10.93
H021 WZQ L . -10.95 8.63 -10.56
H041 WZQ L . -11.40 11.43 -9.85
H071 WZQ L . -12.72 9.14 -5.66
H281 WZQ L . -11.63 -3.07 -4.71
H292 WZQ L . -9.80 -3.76 -6.52
H291 WZQ L . -10.04 -2.08 -6.00
H011 WZQ L . -11.85 7.08 -8.92
H151 WZQ L . -11.77 3.64 -11.53
H241 WZQ L . -14.50 -3.13 -7.71
H271 WZQ L . -11.40 -5.36 -5.60
BR BR M . -11.56 14.63 -0.39
BR BR N . -16.07 7.67 -9.38
C10 WZQ O . 12.25 -13.51 5.40
C11 WZQ O . 11.30 -14.67 5.46
C12 WZQ O . 10.60 -14.97 4.15
C13 WZQ O . 10.59 -12.56 -2.92
C14 WZQ O . 11.85 -12.02 -3.57
C16 WZQ O . 12.39 -10.78 -5.72
C18 WZQ O . 12.19 -10.60 -7.22
C19 WZQ O . 12.78 -9.29 -7.77
C20 WZQ O . 11.89 -8.13 -7.26
C21 WZQ O . 12.32 -6.79 -7.84
C22 WZQ O . 11.37 -5.68 -7.16
C23 WZQ O . 12.21 -4.26 -7.04
C25 WZQ O . 12.23 -2.90 -8.83
C02 WZQ O . 11.04 -13.68 -0.85
C03 WZQ O . 11.21 -13.42 0.65
C04 WZQ O . 10.82 -14.35 1.62
C05 WZQ O . 11.01 -14.02 3.00
C06 WZQ O . 11.57 -12.79 3.33
C07 WZQ O . 11.93 -11.90 2.30
C28 WZQ O . 10.94 -3.14 -7.01
C29 WZQ O . 9.70 -3.89 -7.12
N01 WZQ O . 10.77 -12.38 -1.49
N08 WZQ O . 11.74 -12.25 1.03
N15 WZQ O . 11.66 -11.84 -5.03
N24 WZQ O . 12.91 -4.07 -8.05
N27 WZQ O . 11.04 -2.40 -8.09
O09 WZQ O . 11.75 -12.45 4.70
O17 WZQ O . 13.09 -10.07 -5.11
O26 WZQ O . 12.65 -2.47 -9.81
S30 WZQ O . 10.23 -5.29 -8.00
H102 WZQ O . 12.46 -13.20 6.41
H101 WZQ O . 13.17 -13.84 4.93
H112 WZQ O . 10.53 -14.42 6.19
H111 WZQ O . 11.86 -15.54 5.75
H121 WZQ O . 10.84 -15.99 3.85
H122 WZQ O . 9.54 -14.89 4.30
H131 WZQ O . 9.73 -12.00 -3.26
H132 WZQ O . 10.45 -13.62 -3.15
H141 WZQ O . 12.65 -12.74 -3.43
H142 WZQ O . 12.10 -11.10 -3.08
H182 WZQ O . 12.63 -11.43 -7.76
H181 WZQ O . 11.14 -10.58 -7.39
H192 WZQ O . 13.81 -9.15 -7.43
H191 WZQ O . 12.76 -9.29 -8.85
H201 WZQ O . 10.86 -8.31 -7.51
H202 WZQ O . 11.97 -8.04 -6.18
H212 WZQ O . 12.20 -6.80 -8.92
H211 WZQ O . 13.35 -6.63 -7.58
H221 WZQ O . 11.02 -6.01 -6.18
H231 WZQ O . 12.81 -4.21 -6.15
H022 WZQ O . 11.96 -14.12 -1.26
H021 WZQ O . 10.21 -14.35 -1.02
H041 WZQ O . 10.39 -15.30 1.34
H071 WZQ O . 12.36 -10.94 2.56
H281 WZQ O . 10.99 -2.53 -6.12
H292 WZQ O . 8.95 -3.34 -7.68
H291 WZQ O . 9.36 -4.18 -6.15
H011 WZQ O . 9.97 -11.97 -1.08
H151 WZQ O . 11.06 -12.45 -5.54
H241 WZQ O . 13.73 -4.56 -8.33
H271 WZQ O . 10.42 -1.66 -8.36
BR BR P . 14.74 -12.29 -1.22
CL CL Q . 22.73 -12.70 -6.56
#